data_7NHV
#
_entry.id   7NHV
#
_cell.length_a   63.650
_cell.length_b   63.650
_cell.length_c   225.420
_cell.angle_alpha   90.000
_cell.angle_beta   90.000
_cell.angle_gamma   120.000
#
_symmetry.space_group_name_H-M   'P 32 2 1'
#
loop_
_entity.id
_entity.type
_entity.pdbx_description
1 polymer 'N6-adenosine-methyltransferase catalytic subunit'
2 polymer 'N6-adenosine-methyltransferase non-catalytic subunit'
3 non-polymer (R)-N-((1-(6-(benzylamino)pyrimidin-4-yl)-3-hydroxypiperidin-3-yl)methyl)-4-((4,4-dimethylpiperidin-1-yl)methyl)benzamide
4 non-polymer 'ACETATE ION'
5 water water
#
loop_
_entity_poly.entity_id
_entity_poly.type
_entity_poly.pdbx_seq_one_letter_code
_entity_poly.pdbx_strand_id
1 'polypeptide(L)'
;MGHHHHHHSSGRENLYFQGALTQSVGGDSSADRLFPPQWICCDIRYLDVSILGKFAVVMADPPWDIHMELPYGTLTDDEM
RRLNIPVLQDDGFLFLWVTGRAMELGRECLNLWGYERVDEIIWVKTNQLQRIIRTGRTGHWLNHGKEHCLVGVKGNPQGF
NQGLDCDVIVAEVRSTSHKPDEIYGMIERLSPGTRKIELFGRPHNVQPNWITLGNQLDGIHLLDPDVVARFKQRYPDGII
SKPKNL
;
A
2 'polypeptide(L)'
;MLKGTQSLNPHNDYCQHFVDTGHRPQNFIRDVGLADRFEEYPKLRELIRLKDELIAKSNTPPMYLQADIEAFDIRELTPK
FDVILLEPPLEEYYRETGITANEKCWTWDDIMKLEIDEIAAPRSFIFLWCGSGEGLDLGRVCLRKWGYRRCEDICWIKTN
KNNPGKTKTLDPKAVFQRTKEHCLMGIKGTVKRSTDGDFIHANVDIDLIITEEPEIGNIEKPVEIFHIIEHFCLGRRRLH
LFGRDSTIRPGWLTVGPTLTNSNYNAETYASYFSAPNSYLTGCTEEIERL
;
B
#
loop_
_chem_comp.id
_chem_comp.type
_chem_comp.name
_chem_comp.formula
ACT non-polymer 'ACETATE ION' 'C2 H3 O2 -1'
UE5 non-polymer (R)-N-((1-(6-(benzylamino)pyrimidin-4-yl)-3-hydroxypiperidin-3-yl)methyl)-4-((4,4-dimethylpiperidin-1-yl)methyl)benzamide 'C32 H42 N6 O2'
#
# COMPACT_ATOMS: atom_id res chain seq x y z
N LEU A 34 -1.73 21.10 29.46
CA LEU A 34 -2.12 20.23 28.36
C LEU A 34 -1.41 20.55 27.04
N PHE A 35 -1.72 21.72 26.47
CA PHE A 35 -1.37 22.03 25.09
C PHE A 35 0.10 21.89 24.68
N PRO A 36 1.11 22.32 25.44
CA PRO A 36 2.51 22.24 24.94
C PRO A 36 3.00 20.80 24.86
N PRO A 37 4.15 20.56 24.19
CA PRO A 37 4.65 19.18 24.03
C PRO A 37 4.86 18.49 25.38
N GLN A 38 4.51 17.21 25.44
CA GLN A 38 4.70 16.38 26.62
C GLN A 38 5.34 15.06 26.19
N TRP A 39 6.14 14.45 27.08
CA TRP A 39 6.73 13.17 26.69
C TRP A 39 7.11 12.35 27.91
N ILE A 40 7.31 11.04 27.70
CA ILE A 40 7.72 10.10 28.74
C ILE A 40 8.79 9.19 28.16
N CYS A 41 10.04 9.30 28.66
CA CYS A 41 11.05 8.31 28.33
C CYS A 41 10.71 6.99 29.03
N CYS A 42 10.52 5.94 28.26
CA CYS A 42 10.03 4.70 28.86
C CYS A 42 10.20 3.56 27.88
N ASP A 43 10.06 2.35 28.39
CA ASP A 43 9.98 1.15 27.58
C ASP A 43 8.49 0.95 27.36
N ILE A 44 8.03 1.17 26.13
CA ILE A 44 6.61 1.09 25.85
C ILE A 44 6.06 -0.30 26.16
N ARG A 45 6.91 -1.32 26.25
CA ARG A 45 6.38 -2.64 26.61
C ARG A 45 5.88 -2.67 28.04
N TYR A 46 6.41 -1.81 28.90
CA TYR A 46 6.18 -1.89 30.33
C TYR A 46 5.40 -0.72 30.91
N LEU A 47 5.30 0.41 30.21
CA LEU A 47 4.50 1.51 30.72
C LEU A 47 3.04 1.10 30.90
N ASP A 48 2.47 1.48 32.03
CA ASP A 48 1.03 1.35 32.25
C ASP A 48 0.35 2.52 31.54
N VAL A 49 -0.05 2.31 30.29
CA VAL A 49 -0.62 3.41 29.51
C VAL A 49 -2.00 3.79 29.96
N SER A 50 -2.63 3.00 30.85
CA SER A 50 -3.94 3.38 31.36
C SER A 50 -3.91 4.72 32.07
N ILE A 51 -2.73 5.20 32.51
CA ILE A 51 -2.68 6.49 33.20
C ILE A 51 -2.81 7.69 32.27
N LEU A 52 -2.73 7.48 30.95
CA LEU A 52 -2.61 8.59 30.01
C LEU A 52 -3.97 9.10 29.54
N GLY A 53 -5.05 8.38 29.85
CA GLY A 53 -6.35 8.78 29.34
C GLY A 53 -6.58 8.35 27.90
N LYS A 54 -7.50 9.06 27.24
CA LYS A 54 -8.03 8.72 25.92
C LYS A 54 -7.61 9.77 24.90
N PHE A 55 -7.38 9.32 23.66
CA PHE A 55 -6.81 10.16 22.61
C PHE A 55 -7.67 10.13 21.34
N ALA A 56 -7.79 11.30 20.71
CA ALA A 56 -8.48 11.35 19.43
C ALA A 56 -7.67 10.66 18.32
N VAL A 57 -6.35 10.73 18.38
CA VAL A 57 -5.49 10.12 17.36
C VAL A 57 -4.33 9.46 18.08
N VAL A 58 -3.97 8.25 17.64
CA VAL A 58 -2.75 7.56 18.04
C VAL A 58 -1.90 7.42 16.80
N MET A 59 -0.60 7.69 16.92
CA MET A 59 0.32 7.39 15.84
C MET A 59 1.44 6.52 16.39
N ALA A 60 1.85 5.49 15.64
CA ALA A 60 2.93 4.63 16.07
C ALA A 60 3.89 4.37 14.91
N ASP A 61 5.18 4.39 15.22
CA ASP A 61 6.20 4.07 14.23
C ASP A 61 7.07 2.96 14.82
N PRO A 62 6.57 1.72 14.82
CA PRO A 62 7.19 0.68 15.65
C PRO A 62 8.49 0.18 15.07
N PRO A 63 9.41 -0.27 15.94
CA PRO A 63 10.65 -0.95 15.51
C PRO A 63 10.35 -2.41 15.23
N TRP A 64 9.64 -2.66 14.13
CA TRP A 64 9.25 -3.99 13.71
C TRP A 64 10.46 -4.92 13.55
N ASP A 65 10.21 -6.21 13.78
CA ASP A 65 11.23 -7.25 13.73
C ASP A 65 11.35 -7.78 12.30
N ILE A 66 11.81 -6.91 11.41
CA ILE A 66 11.93 -7.24 10.01
C ILE A 66 13.39 -7.34 9.59
N HIS A 67 14.30 -7.26 10.56
CA HIS A 67 15.72 -6.88 10.39
C HIS A 67 15.83 -5.37 10.09
N PRO A 71 18.21 -5.59 15.72
CA PRO A 71 18.35 -4.14 15.98
C PRO A 71 17.98 -3.75 17.41
N TYR A 72 18.71 -2.82 18.01
CA TYR A 72 18.43 -2.46 19.41
C TYR A 72 17.10 -1.74 19.50
N GLY A 73 16.27 -2.17 20.43
CA GLY A 73 14.94 -1.64 20.60
C GLY A 73 13.85 -2.37 19.84
N THR A 74 14.22 -3.37 19.04
CA THR A 74 13.23 -4.15 18.30
C THR A 74 12.24 -4.83 19.24
N LEU A 75 10.98 -4.87 18.83
CA LEU A 75 9.96 -5.66 19.50
C LEU A 75 9.63 -6.87 18.64
N THR A 76 9.51 -8.03 19.29
CA THR A 76 9.08 -9.22 18.58
C THR A 76 7.62 -9.07 18.18
N ASP A 77 7.20 -9.90 17.23
CA ASP A 77 5.80 -9.84 16.78
C ASP A 77 4.84 -10.00 17.95
N ASP A 78 5.13 -10.92 18.87
CA ASP A 78 4.25 -11.10 20.02
C ASP A 78 4.21 -9.87 20.90
N GLU A 79 5.37 -9.22 21.12
CA GLU A 79 5.36 -7.99 21.91
C GLU A 79 4.50 -6.93 21.25
N MET A 80 4.52 -6.85 19.92
CA MET A 80 3.69 -5.84 19.31
C MET A 80 2.21 -6.18 19.45
N ARG A 81 1.86 -7.45 19.29
CA ARG A 81 0.46 -7.84 19.47
C ARG A 81 -0.03 -7.48 20.85
N ARG A 82 0.83 -7.62 21.85
CA ARG A 82 0.43 -7.47 23.24
C ARG A 82 0.45 -6.03 23.75
N LEU A 83 0.93 -5.07 22.94
CA LEU A 83 0.86 -3.67 23.36
C LEU A 83 -0.57 -3.29 23.72
N ASN A 84 -0.74 -2.55 24.82
CA ASN A 84 -2.09 -2.26 25.28
C ASN A 84 -2.69 -1.08 24.53
N ILE A 85 -2.57 -1.10 23.19
CA ILE A 85 -3.22 -0.08 22.37
C ILE A 85 -4.71 0.07 22.67
N PRO A 86 -5.48 -1.00 22.92
CA PRO A 86 -6.94 -0.83 23.05
C PRO A 86 -7.39 0.14 24.14
N VAL A 87 -6.60 0.33 25.21
CA VAL A 87 -7.03 1.26 26.26
C VAL A 87 -6.86 2.72 25.87
N LEU A 88 -6.15 3.02 24.78
CA LEU A 88 -5.80 4.41 24.49
C LEU A 88 -6.92 5.22 23.82
N GLN A 89 -7.91 4.58 23.21
CA GLN A 89 -8.95 5.30 22.48
C GLN A 89 -10.30 4.64 22.64
N ASP A 90 -11.35 5.46 22.59
CA ASP A 90 -12.74 5.02 22.45
C ASP A 90 -13.25 5.24 21.03
N ASP A 91 -13.03 6.43 20.48
CA ASP A 91 -13.45 6.75 19.12
C ASP A 91 -12.36 7.61 18.49
N GLY A 92 -11.70 7.10 17.47
CA GLY A 92 -10.70 7.91 16.81
C GLY A 92 -9.88 7.07 15.84
N PHE A 93 -8.75 7.65 15.42
CA PHE A 93 -7.97 7.09 14.34
C PHE A 93 -6.58 6.70 14.85
N LEU A 94 -6.04 5.64 14.24
CA LEU A 94 -4.69 5.15 14.44
C LEU A 94 -3.91 5.24 13.15
N PHE A 95 -2.71 5.80 13.22
CA PHE A 95 -1.77 5.91 12.11
C PHE A 95 -0.58 5.02 12.43
N LEU A 96 -0.34 4.01 11.60
CA LEU A 96 0.61 2.93 11.88
C LEU A 96 1.59 2.81 10.71
N TRP A 97 2.85 3.21 10.92
CA TRP A 97 3.83 3.13 9.85
C TRP A 97 4.25 1.67 9.67
N VAL A 98 4.35 1.24 8.41
CA VAL A 98 4.64 -0.16 8.10
C VAL A 98 5.63 -0.24 6.95
N THR A 99 6.45 -1.29 6.95
CA THR A 99 7.34 -1.56 5.83
C THR A 99 7.59 -3.05 5.78
N GLY A 100 7.94 -3.53 4.58
CA GLY A 100 8.26 -4.94 4.40
C GLY A 100 7.14 -5.81 4.89
N ARG A 101 7.48 -6.83 5.69
CA ARG A 101 6.43 -7.75 6.09
C ARG A 101 5.54 -7.19 7.17
N ALA A 102 5.90 -6.05 7.78
CA ALA A 102 4.97 -5.39 8.67
C ALA A 102 3.80 -4.77 7.92
N MET A 103 3.88 -4.70 6.60
CA MET A 103 2.68 -4.35 5.83
C MET A 103 1.56 -5.31 6.21
N GLU A 104 1.89 -6.59 6.39
CA GLU A 104 0.91 -7.60 6.79
C GLU A 104 0.82 -7.70 8.32
N LEU A 105 1.95 -7.71 9.03
CA LEU A 105 1.88 -7.81 10.50
C LEU A 105 1.20 -6.59 11.10
N GLY A 106 1.44 -5.40 10.55
CA GLY A 106 0.76 -4.22 11.06
C GLY A 106 -0.75 -4.30 10.88
N ARG A 107 -1.20 -4.90 9.76
CA ARG A 107 -2.64 -5.11 9.57
C ARG A 107 -3.19 -6.08 10.62
N GLU A 108 -2.44 -7.15 10.90
CA GLU A 108 -2.83 -8.05 11.98
C GLU A 108 -2.98 -7.30 13.30
N CYS A 109 -1.94 -6.55 13.70
CA CYS A 109 -2.01 -5.78 14.94
C CYS A 109 -3.18 -4.80 14.93
N LEU A 110 -3.34 -4.06 13.83
CA LEU A 110 -4.43 -3.11 13.74
C LEU A 110 -5.76 -3.78 14.06
N ASN A 111 -6.02 -4.95 13.44
CA ASN A 111 -7.30 -5.62 13.68
C ASN A 111 -7.36 -6.22 15.09
N LEU A 112 -6.28 -6.87 15.53
CA LEU A 112 -6.27 -7.41 16.90
C LEU A 112 -6.58 -6.33 17.93
N TRP A 113 -6.00 -5.13 17.74
CA TRP A 113 -6.22 -4.04 18.69
C TRP A 113 -7.61 -3.43 18.58
N GLY A 114 -8.45 -3.84 17.64
CA GLY A 114 -9.80 -3.33 17.56
C GLY A 114 -10.07 -2.28 16.49
N TYR A 115 -9.18 -2.11 15.51
CA TYR A 115 -9.37 -1.11 14.48
C TYR A 115 -9.70 -1.78 13.15
N GLU A 116 -10.37 -1.01 12.27
CA GLU A 116 -10.55 -1.40 10.89
C GLU A 116 -9.71 -0.46 10.03
N ARG A 117 -8.97 -0.99 9.06
CA ARG A 117 -8.10 -0.15 8.24
C ARG A 117 -8.95 0.53 7.17
N VAL A 118 -9.02 1.86 7.21
CA VAL A 118 -9.90 2.59 6.30
C VAL A 118 -9.13 3.50 5.35
N ASP A 119 -7.82 3.62 5.48
CA ASP A 119 -7.03 4.39 4.51
C ASP A 119 -5.59 3.94 4.61
N GLU A 120 -4.79 4.39 3.64
CA GLU A 120 -3.38 4.07 3.65
C GLU A 120 -2.66 5.25 3.00
N ILE A 121 -1.90 5.95 3.79
CA ILE A 121 -1.11 7.09 3.33
C ILE A 121 0.21 6.56 2.79
N ILE A 122 0.67 7.11 1.67
CA ILE A 122 2.02 6.81 1.25
C ILE A 122 2.79 8.11 1.18
N TRP A 123 4.01 8.07 1.69
CA TRP A 123 4.92 9.20 1.62
C TRP A 123 5.91 8.91 0.48
N VAL A 124 5.81 9.68 -0.59
CA VAL A 124 6.78 9.62 -1.68
C VAL A 124 7.99 10.43 -1.25
N LYS A 125 9.16 9.79 -1.21
CA LYS A 125 10.36 10.39 -0.64
C LYS A 125 11.13 11.12 -1.74
N THR A 126 11.35 12.41 -1.56
CA THR A 126 12.06 13.21 -2.55
C THR A 126 13.34 13.78 -1.96
N ASN A 127 14.21 14.26 -2.84
CA ASN A 127 15.30 15.15 -2.48
C ASN A 127 14.83 16.61 -2.45
N GLN A 128 15.78 17.54 -2.31
CA GLN A 128 15.44 18.96 -2.21
C GLN A 128 14.91 19.53 -3.53
N LEU A 129 15.15 18.84 -4.66
CA LEU A 129 14.64 19.28 -5.95
C LEU A 129 13.40 18.49 -6.39
N GLN A 130 12.68 17.85 -5.45
CA GLN A 130 11.43 17.14 -5.73
C GLN A 130 11.63 15.94 -6.67
N ARG A 131 12.79 15.32 -6.65
CA ARG A 131 13.00 14.09 -7.41
C ARG A 131 12.91 12.91 -6.45
N ILE A 132 12.30 11.81 -6.93
CA ILE A 132 12.16 10.62 -6.09
C ILE A 132 13.51 10.02 -5.75
N ILE A 133 13.72 9.74 -4.47
CA ILE A 133 14.88 8.99 -4.00
C ILE A 133 14.56 7.49 -4.01
N GLY A 139 12.50 -5.56 0.16
CA GLY A 139 12.04 -5.46 -1.21
C GLY A 139 13.16 -5.55 -2.23
N HIS A 140 13.37 -6.76 -2.77
CA HIS A 140 14.48 -7.06 -3.64
C HIS A 140 14.05 -7.18 -5.11
N TRP A 141 12.81 -6.82 -5.43
CA TRP A 141 12.37 -6.86 -6.82
C TRP A 141 12.29 -5.47 -7.45
N LEU A 142 11.89 -4.47 -6.67
CA LEU A 142 11.78 -3.11 -7.13
C LEU A 142 12.50 -2.16 -6.17
N ASN A 143 13.00 -1.06 -6.70
CA ASN A 143 13.49 -0.02 -5.80
C ASN A 143 12.27 0.61 -5.13
N HIS A 144 12.47 1.15 -3.93
CA HIS A 144 11.35 1.63 -3.11
C HIS A 144 11.34 3.15 -3.07
N GLY A 145 10.26 3.74 -3.57
CA GLY A 145 10.15 5.17 -3.59
C GLY A 145 9.29 5.75 -2.49
N LYS A 146 8.76 4.93 -1.58
CA LYS A 146 7.73 5.39 -0.68
C LYS A 146 7.79 4.63 0.64
N GLU A 147 7.15 5.21 1.65
CA GLU A 147 6.90 4.57 2.93
C GLU A 147 5.39 4.58 3.09
N HIS A 148 4.86 3.57 3.80
CA HIS A 148 3.42 3.41 3.98
C HIS A 148 2.99 3.69 5.43
N CYS A 149 1.79 4.28 5.59
CA CYS A 149 1.24 4.49 6.93
C CYS A 149 -0.23 4.08 6.92
N LEU A 150 -0.55 2.97 7.59
CA LEU A 150 -1.94 2.51 7.65
C LEU A 150 -2.77 3.46 8.49
N VAL A 151 -4.04 3.64 8.12
CA VAL A 151 -4.95 4.51 8.85
C VAL A 151 -6.10 3.64 9.32
N GLY A 152 -6.20 3.45 10.64
CA GLY A 152 -7.24 2.65 11.24
C GLY A 152 -8.25 3.49 11.98
N VAL A 153 -9.48 2.98 12.09
CA VAL A 153 -10.53 3.64 12.84
C VAL A 153 -11.08 2.70 13.88
N LYS A 154 -11.43 3.25 15.03
CA LYS A 154 -12.06 2.56 16.14
C LYS A 154 -13.29 3.35 16.55
N GLY A 155 -14.39 2.64 16.80
CA GLY A 155 -15.62 3.32 17.18
C GLY A 155 -16.18 4.12 16.02
N ASN A 156 -16.80 5.25 16.35
CA ASN A 156 -17.45 6.13 15.38
C ASN A 156 -17.02 7.56 15.63
N PRO A 157 -15.84 7.95 15.18
CA PRO A 157 -15.36 9.30 15.47
C PRO A 157 -16.28 10.38 14.89
N GLN A 158 -16.64 11.34 15.72
CA GLN A 158 -17.49 12.45 15.29
C GLN A 158 -16.76 13.78 15.34
N GLY A 159 -16.99 14.60 14.32
CA GLY A 159 -16.44 15.95 14.31
C GLY A 159 -15.04 16.05 13.75
N PHE A 160 -14.57 15.03 13.07
CA PHE A 160 -13.29 15.07 12.39
C PHE A 160 -13.51 15.62 11.00
N ASN A 161 -12.49 16.28 10.47
CA ASN A 161 -12.57 16.89 9.13
C ASN A 161 -12.00 15.93 8.08
N GLN A 162 -12.80 14.91 7.81
CA GLN A 162 -12.38 13.88 6.86
C GLN A 162 -12.42 14.44 5.44
N GLY A 163 -11.42 14.07 4.65
CA GLY A 163 -11.38 14.48 3.25
C GLY A 163 -10.71 15.81 2.96
N LEU A 164 -10.14 16.49 3.96
CA LEU A 164 -9.42 17.75 3.71
C LEU A 164 -8.09 17.52 3.02
N ASP A 165 -7.32 16.52 3.47
CA ASP A 165 -6.08 16.14 2.81
C ASP A 165 -6.26 14.89 1.94
N CYS A 166 -5.30 14.69 1.05
CA CYS A 166 -5.31 13.47 0.25
C CYS A 166 -4.30 12.50 0.85
N ASP A 167 -4.22 11.29 0.28
CA ASP A 167 -3.48 10.21 0.91
C ASP A 167 -2.06 10.07 0.37
N VAL A 168 -1.52 11.08 -0.29
CA VAL A 168 -0.13 11.03 -0.77
C VAL A 168 0.61 12.22 -0.18
N ILE A 169 1.73 11.95 0.48
CA ILE A 169 2.63 12.97 0.98
C ILE A 169 3.85 13.00 0.07
N VAL A 170 4.24 14.19 -0.38
CA VAL A 170 5.47 14.41 -1.12
C VAL A 170 6.34 15.30 -0.24
N ALA A 171 7.43 14.76 0.28
CA ALA A 171 8.26 15.51 1.23
C ALA A 171 9.67 14.94 1.22
N GLU A 172 10.62 15.80 1.61
CA GLU A 172 12.03 15.45 1.55
C GLU A 172 12.40 14.44 2.62
N VAL A 173 13.30 13.52 2.27
CA VAL A 173 13.90 12.63 3.26
C VAL A 173 14.80 13.43 4.18
N ARG A 174 14.67 13.18 5.50
CA ARG A 174 15.64 13.73 6.45
C ARG A 174 16.55 12.61 6.97
N SER A 175 16.84 12.61 8.26
CA SER A 175 17.75 11.59 8.77
C SER A 175 17.11 10.20 8.65
N THR A 176 17.90 9.18 8.95
CA THR A 176 17.43 7.80 8.82
C THR A 176 16.20 7.59 9.71
N SER A 177 15.10 7.19 9.09
CA SER A 177 13.89 6.84 9.79
C SER A 177 13.15 8.04 10.38
N HIS A 178 13.45 9.26 9.93
CA HIS A 178 12.70 10.42 10.37
C HIS A 178 11.45 10.56 9.50
N LYS A 179 10.27 10.46 10.12
CA LYS A 179 9.03 10.61 9.34
C LYS A 179 8.79 12.08 9.00
N PRO A 180 8.05 12.35 7.91
CA PRO A 180 7.86 13.76 7.51
C PRO A 180 6.95 14.50 8.47
N ASP A 181 7.30 15.77 8.75
CA ASP A 181 6.49 16.57 9.66
C ASP A 181 5.12 16.89 9.08
N GLU A 182 4.95 16.75 7.76
CA GLU A 182 3.65 16.97 7.14
C GLU A 182 2.54 16.14 7.80
N ILE A 183 2.87 14.95 8.32
CA ILE A 183 1.82 14.10 8.90
C ILE A 183 1.15 14.78 10.09
N TYR A 184 1.92 15.54 10.90
CA TYR A 184 1.32 16.24 12.04
C TYR A 184 0.33 17.31 11.58
N GLY A 185 0.63 17.97 10.46
CA GLY A 185 -0.29 18.96 9.91
C GLY A 185 -1.59 18.33 9.42
N MET A 186 -1.49 17.24 8.64
CA MET A 186 -2.70 16.53 8.24
C MET A 186 -3.49 16.02 9.43
N ILE A 187 -2.82 15.53 10.46
CA ILE A 187 -3.55 15.05 11.63
C ILE A 187 -4.20 16.21 12.38
N GLU A 188 -3.51 17.35 12.45
CA GLU A 188 -4.11 18.51 13.13
C GLU A 188 -5.31 19.05 12.36
N ARG A 189 -5.24 19.12 11.03
CA ARG A 189 -6.41 19.59 10.28
C ARG A 189 -7.55 18.60 10.39
N LEU A 190 -7.23 17.30 10.49
CA LEU A 190 -8.25 16.27 10.63
C LEU A 190 -8.96 16.36 11.97
N SER A 191 -8.21 16.68 13.03
CA SER A 191 -8.71 16.66 14.41
C SER A 191 -8.08 17.81 15.19
N PRO A 192 -8.50 19.05 14.92
CA PRO A 192 -7.84 20.20 15.53
C PRO A 192 -8.11 20.29 17.04
N GLY A 193 -7.06 20.58 17.79
CA GLY A 193 -7.17 20.88 19.21
C GLY A 193 -7.27 19.68 20.13
N THR A 194 -7.43 18.46 19.61
CA THR A 194 -7.64 17.29 20.45
C THR A 194 -6.31 16.70 20.95
N ARG A 195 -6.44 15.85 21.96
CA ARG A 195 -5.34 15.09 22.54
C ARG A 195 -4.85 13.98 21.61
N LYS A 196 -3.53 13.88 21.42
CA LYS A 196 -2.93 12.86 20.55
C LYS A 196 -1.74 12.20 21.25
N ILE A 197 -1.46 10.96 20.89
CA ILE A 197 -0.34 10.24 21.47
C ILE A 197 0.48 9.58 20.38
N GLU A 198 1.81 9.73 20.48
CA GLU A 198 2.74 9.11 19.55
C GLU A 198 3.58 8.06 20.28
N LEU A 199 3.65 6.85 19.71
CA LEU A 199 4.43 5.75 20.27
C LEU A 199 5.70 5.56 19.45
N PHE A 200 6.81 5.30 20.14
CA PHE A 200 8.14 5.11 19.54
C PHE A 200 8.66 6.38 18.88
N GLY A 201 8.30 7.54 19.42
CA GLY A 201 8.82 8.78 18.90
C GLY A 201 10.19 9.10 19.47
N ARG A 202 10.84 10.09 18.85
CA ARG A 202 12.17 10.57 19.25
C ARG A 202 12.02 12.04 19.64
N PRO A 203 13.04 12.66 20.24
CA PRO A 203 12.87 14.05 20.68
C PRO A 203 12.37 14.99 19.60
N HIS A 204 12.85 14.84 18.35
CA HIS A 204 12.37 15.75 17.32
C HIS A 204 10.90 15.52 16.97
N ASN A 205 10.24 14.51 17.53
CA ASN A 205 8.83 14.28 17.23
C ASN A 205 7.88 15.00 18.18
N VAL A 206 8.35 15.60 19.29
CA VAL A 206 7.42 16.20 20.24
C VAL A 206 6.75 17.39 19.59
N GLN A 207 5.44 17.53 19.84
CA GLN A 207 4.58 18.51 19.18
C GLN A 207 3.52 18.96 20.17
N PRO A 208 3.01 20.20 20.03
CA PRO A 208 1.89 20.63 20.88
C PRO A 208 0.69 19.72 20.63
N ASN A 209 -0.15 19.57 21.65
CA ASN A 209 -1.28 18.64 21.69
C ASN A 209 -0.87 17.17 21.68
N TRP A 210 0.42 16.83 21.63
CA TRP A 210 0.84 15.43 21.61
C TRP A 210 1.58 15.05 22.89
N ILE A 211 1.36 13.81 23.34
CA ILE A 211 2.24 13.14 24.30
C ILE A 211 3.08 12.13 23.54
N THR A 212 4.41 12.19 23.70
CA THR A 212 5.32 11.33 22.96
C THR A 212 5.95 10.30 23.87
N LEU A 213 5.93 9.03 23.44
CA LEU A 213 6.53 7.94 24.20
C LEU A 213 7.66 7.29 23.40
N GLY A 214 8.75 6.98 24.08
CA GLY A 214 9.90 6.38 23.43
C GLY A 214 11.03 6.28 24.44
N ASN A 215 11.96 5.36 24.15
CA ASN A 215 13.05 5.13 25.09
C ASN A 215 14.31 5.94 24.79
N GLN A 216 14.27 6.83 23.81
CA GLN A 216 15.36 7.77 23.58
C GLN A 216 14.96 9.22 23.86
N LEU A 217 13.84 9.43 24.52
CA LEU A 217 13.44 10.75 24.99
C LEU A 217 14.21 11.08 26.25
N ASP A 218 14.23 12.37 26.58
CA ASP A 218 15.00 12.85 27.71
C ASP A 218 14.06 13.02 28.89
N GLY A 219 14.02 11.98 29.75
CA GLY A 219 13.24 12.06 30.98
C GLY A 219 11.73 12.12 30.75
N ILE A 220 11.05 12.71 31.73
CA ILE A 220 9.59 12.78 31.77
C ILE A 220 9.21 14.25 31.81
N HIS A 221 8.31 14.67 30.92
CA HIS A 221 7.86 16.07 30.90
C HIS A 221 6.34 16.07 30.70
N LEU A 222 5.60 16.18 31.81
CA LEU A 222 4.16 16.11 31.83
C LEU A 222 3.58 17.38 32.43
N LEU A 223 2.55 17.93 31.78
CA LEU A 223 1.94 19.21 32.14
C LEU A 223 0.43 19.12 32.36
N ASP A 224 -0.21 18.17 31.70
CA ASP A 224 -1.63 17.91 31.91
C ASP A 224 -1.87 17.45 33.35
N PRO A 225 -2.66 18.18 34.13
CA PRO A 225 -2.80 17.83 35.57
C PRO A 225 -3.38 16.46 35.79
N ASP A 226 -4.32 16.02 34.95
CA ASP A 226 -4.90 14.69 35.11
C ASP A 226 -3.84 13.62 34.94
N VAL A 227 -3.01 13.75 33.89
CA VAL A 227 -1.93 12.78 33.67
C VAL A 227 -0.91 12.86 34.80
N VAL A 228 -0.53 14.07 35.22
CA VAL A 228 0.42 14.20 36.32
C VAL A 228 -0.10 13.49 37.57
N ALA A 229 -1.37 13.72 37.89
CA ALA A 229 -1.95 13.08 39.06
C ALA A 229 -1.87 11.57 38.96
N ARG A 230 -2.37 11.00 37.86
CA ARG A 230 -2.36 9.54 37.74
C ARG A 230 -0.95 8.98 37.64
N PHE A 231 -0.01 9.73 37.05
CA PHE A 231 1.36 9.24 36.99
C PHE A 231 1.98 9.14 38.38
N LYS A 232 1.80 10.18 39.21
CA LYS A 232 2.37 10.15 40.55
C LYS A 232 1.77 9.02 41.40
N GLN A 233 0.46 8.80 41.29
CA GLN A 233 -0.16 7.69 42.02
C GLN A 233 0.35 6.33 41.54
N ARG A 234 0.43 6.14 40.21
CA ARG A 234 0.90 4.87 39.67
C ARG A 234 2.39 4.68 39.86
N TYR A 235 3.17 5.75 39.80
CA TYR A 235 4.63 5.69 39.84
C TYR A 235 5.15 6.68 40.89
N PRO A 236 4.89 6.43 42.18
CA PRO A 236 5.25 7.41 43.21
C PRO A 236 6.73 7.72 43.26
N ASP A 237 7.59 6.78 42.87
CA ASP A 237 9.03 6.98 42.88
C ASP A 237 9.58 7.36 41.51
N GLY A 238 8.70 7.62 40.53
CA GLY A 238 9.15 8.09 39.24
C GLY A 238 9.84 7.07 38.38
N ILE A 239 9.72 5.78 38.69
CA ILE A 239 10.41 4.72 37.96
C ILE A 239 9.34 3.85 37.29
N ILE A 240 9.67 3.38 36.09
CA ILE A 240 8.75 2.56 35.29
C ILE A 240 9.43 1.23 35.01
N SER A 241 9.06 0.18 35.75
CA SER A 241 9.70 -1.12 35.67
C SER A 241 8.74 -2.16 35.12
N LYS A 242 9.31 -3.30 34.71
CA LYS A 242 8.54 -4.42 34.18
C LYS A 242 7.52 -4.96 35.19
N ASN B 12 7.16 24.16 0.10
CA ASN B 12 7.37 23.63 1.45
C ASN B 12 6.41 22.48 1.75
N ASP B 13 5.27 22.79 2.35
CA ASP B 13 4.25 21.79 2.71
C ASP B 13 3.27 21.60 1.56
N TYR B 14 3.47 20.53 0.76
CA TYR B 14 2.53 20.27 -0.33
C TYR B 14 1.18 19.79 0.18
N CYS B 15 1.12 19.21 1.39
CA CYS B 15 -0.19 18.87 1.94
C CYS B 15 -1.00 20.12 2.22
N GLN B 16 -0.40 21.09 2.89
CA GLN B 16 -1.04 22.39 3.08
C GLN B 16 -1.40 23.02 1.74
N HIS B 17 -0.49 22.97 0.77
CA HIS B 17 -0.78 23.48 -0.58
C HIS B 17 -1.99 22.79 -1.21
N PHE B 18 -2.13 21.47 -1.03
CA PHE B 18 -3.33 20.83 -1.57
C PHE B 18 -4.59 21.35 -0.91
N VAL B 19 -4.57 21.52 0.41
CA VAL B 19 -5.71 22.09 1.12
C VAL B 19 -6.01 23.49 0.57
N ASP B 20 -4.97 24.27 0.27
CA ASP B 20 -5.13 25.66 -0.13
C ASP B 20 -5.63 25.79 -1.57
N THR B 21 -5.20 24.89 -2.45
CA THR B 21 -5.37 25.06 -3.89
C THR B 21 -6.05 23.91 -4.62
N GLY B 22 -6.10 22.70 -4.04
CA GLY B 22 -6.61 21.54 -4.76
C GLY B 22 -5.60 20.83 -5.65
N HIS B 23 -4.38 21.33 -5.76
CA HIS B 23 -3.32 20.63 -6.49
C HIS B 23 -2.72 19.53 -5.59
N ARG B 24 -2.86 18.27 -6.02
CA ARG B 24 -2.35 17.15 -5.24
C ARG B 24 -0.83 17.27 -5.10
N PRO B 25 -0.28 16.81 -3.98
CA PRO B 25 1.17 16.89 -3.80
C PRO B 25 1.95 16.22 -4.92
N GLN B 26 1.42 15.11 -5.49
CA GLN B 26 2.12 14.41 -6.55
C GLN B 26 2.27 15.24 -7.81
N ASN B 27 1.48 16.31 -7.97
CA ASN B 27 1.63 17.21 -9.11
C ASN B 27 3.01 17.87 -9.18
N PHE B 28 3.76 17.90 -8.08
CA PHE B 28 5.03 18.62 -8.04
C PHE B 28 6.24 17.71 -8.01
N ILE B 29 6.04 16.40 -8.13
CA ILE B 29 7.16 15.50 -8.35
C ILE B 29 7.72 15.79 -9.74
N ARG B 30 9.03 15.94 -9.83
CA ARG B 30 9.69 16.10 -11.12
C ARG B 30 10.38 14.79 -11.53
N ASP B 31 10.57 14.60 -12.84
CA ASP B 31 11.33 13.43 -13.28
C ASP B 31 12.65 13.84 -13.93
N GLU B 46 21.52 5.32 -18.93
CA GLU B 46 21.81 3.93 -19.25
C GLU B 46 20.87 3.40 -20.34
N LEU B 47 21.06 2.15 -20.77
CA LEU B 47 20.35 1.57 -21.91
C LEU B 47 19.59 0.32 -21.47
N ILE B 48 18.40 0.53 -20.91
CA ILE B 48 17.48 -0.57 -20.61
C ILE B 48 16.62 -0.85 -21.84
N ARG B 49 17.07 -0.37 -22.99
CA ARG B 49 16.32 -0.54 -24.23
C ARG B 49 16.77 -1.74 -25.05
N LEU B 50 18.03 -2.19 -24.88
CA LEU B 50 18.41 -3.47 -25.47
C LEU B 50 17.62 -4.60 -24.84
N LYS B 51 17.36 -4.50 -23.53
CA LYS B 51 16.51 -5.47 -22.86
C LYS B 51 15.09 -5.42 -23.42
N ASP B 52 14.53 -4.21 -23.54
CA ASP B 52 13.20 -4.08 -24.15
C ASP B 52 13.17 -4.70 -25.54
N GLU B 53 14.28 -4.60 -26.29
CA GLU B 53 14.34 -5.21 -27.62
C GLU B 53 14.33 -6.73 -27.52
N LEU B 54 15.05 -7.29 -26.55
CA LEU B 54 15.03 -8.74 -26.31
C LEU B 54 13.64 -9.21 -25.95
N ILE B 55 12.98 -8.51 -25.02
CA ILE B 55 11.61 -8.84 -24.65
C ILE B 55 10.76 -8.91 -25.89
N ALA B 56 10.90 -7.91 -26.78
CA ALA B 56 10.10 -7.85 -27.99
C ALA B 56 10.40 -9.01 -28.93
N LYS B 57 11.68 -9.37 -29.10
CA LYS B 57 11.98 -10.52 -29.97
C LYS B 57 11.45 -11.81 -29.37
N SER B 58 11.51 -11.93 -28.05
CA SER B 58 11.08 -13.12 -27.35
C SER B 58 9.56 -13.29 -27.30
N ASN B 59 8.77 -12.21 -27.39
CA ASN B 59 7.34 -12.31 -27.09
C ASN B 59 6.62 -13.28 -28.02
N THR B 60 5.71 -14.06 -27.45
CA THR B 60 4.77 -14.84 -28.23
C THR B 60 3.82 -13.90 -28.97
N PRO B 61 3.14 -14.41 -30.00
CA PRO B 61 2.06 -13.62 -30.61
C PRO B 61 1.02 -13.31 -29.56
N PRO B 62 0.32 -12.18 -29.67
CA PRO B 62 -0.75 -11.93 -28.70
C PRO B 62 -1.81 -13.00 -28.86
N MET B 63 -2.36 -13.46 -27.75
CA MET B 63 -3.43 -14.42 -27.82
C MET B 63 -4.51 -13.97 -26.86
N TYR B 64 -5.75 -14.31 -27.15
CA TYR B 64 -6.82 -13.67 -26.41
C TYR B 64 -8.07 -14.51 -26.51
N LEU B 65 -8.90 -14.44 -25.47
CA LEU B 65 -10.09 -15.30 -25.41
C LEU B 65 -11.18 -14.53 -24.71
N GLN B 66 -12.33 -14.38 -25.36
CA GLN B 66 -13.52 -13.87 -24.72
C GLN B 66 -14.07 -14.99 -23.85
N ALA B 67 -14.25 -14.70 -22.56
CA ALA B 67 -14.73 -15.74 -21.66
C ALA B 67 -15.40 -15.05 -20.48
N ASP B 68 -16.53 -15.61 -20.06
CA ASP B 68 -17.19 -15.13 -18.84
C ASP B 68 -16.57 -15.87 -17.67
N ILE B 69 -15.63 -15.20 -17.00
CA ILE B 69 -14.74 -15.81 -16.02
C ILE B 69 -15.54 -16.41 -14.83
N GLU B 70 -16.70 -15.83 -14.52
CA GLU B 70 -17.51 -16.40 -13.44
C GLU B 70 -18.03 -17.79 -13.81
N ALA B 71 -18.49 -17.97 -15.05
CA ALA B 71 -19.04 -19.23 -15.53
C ALA B 71 -18.00 -20.11 -16.20
N PHE B 72 -16.74 -19.68 -16.24
CA PHE B 72 -15.70 -20.32 -17.02
C PHE B 72 -14.87 -21.24 -16.12
N ASP B 73 -14.62 -22.46 -16.57
CA ASP B 73 -13.72 -23.33 -15.82
C ASP B 73 -12.29 -22.86 -16.13
N ILE B 74 -11.69 -22.17 -15.16
CA ILE B 74 -10.38 -21.55 -15.33
C ILE B 74 -9.36 -22.59 -15.78
N ARG B 75 -9.61 -23.86 -15.44
CA ARG B 75 -8.63 -24.92 -15.73
C ARG B 75 -8.45 -25.17 -17.23
N GLU B 76 -9.36 -24.69 -18.08
CA GLU B 76 -9.17 -24.87 -19.52
C GLU B 76 -8.07 -23.99 -20.07
N LEU B 77 -7.60 -23.02 -19.28
CA LEU B 77 -6.45 -22.20 -19.65
C LEU B 77 -5.18 -22.95 -19.29
N THR B 78 -4.49 -23.46 -20.30
CA THR B 78 -3.24 -24.17 -20.12
C THR B 78 -2.22 -23.57 -21.08
N PRO B 79 -0.92 -23.72 -20.80
CA PRO B 79 -0.38 -24.42 -19.61
C PRO B 79 -0.34 -23.50 -18.40
N LYS B 80 0.28 -23.95 -17.31
CA LYS B 80 0.38 -23.13 -16.11
C LYS B 80 1.18 -21.88 -16.40
N PHE B 81 0.82 -20.77 -15.74
CA PHE B 81 1.37 -19.48 -16.12
C PHE B 81 2.52 -19.06 -15.19
N ASP B 82 3.49 -18.35 -15.78
CA ASP B 82 4.59 -17.79 -15.01
C ASP B 82 4.19 -16.49 -14.36
N VAL B 83 3.34 -15.72 -15.03
CA VAL B 83 2.89 -14.41 -14.55
C VAL B 83 1.40 -14.30 -14.78
N ILE B 84 0.66 -13.91 -13.75
CA ILE B 84 -0.77 -13.64 -13.85
C ILE B 84 -0.99 -12.19 -13.44
N LEU B 85 -1.60 -11.39 -14.33
CA LEU B 85 -2.04 -10.03 -14.02
C LEU B 85 -3.56 -10.07 -13.93
N LEU B 86 -4.09 -9.67 -12.79
CA LEU B 86 -5.51 -9.84 -12.50
C LEU B 86 -6.10 -8.46 -12.24
N GLU B 87 -7.11 -8.10 -13.04
CA GLU B 87 -7.65 -6.74 -13.07
C GLU B 87 -9.17 -6.77 -12.98
N PRO B 88 -9.73 -7.38 -11.93
CA PRO B 88 -11.20 -7.49 -11.84
C PRO B 88 -11.86 -6.13 -11.74
N PRO B 89 -12.99 -5.93 -12.46
CA PRO B 89 -13.64 -4.62 -12.48
C PRO B 89 -14.36 -4.33 -11.17
N LEU B 90 -13.70 -3.65 -10.25
CA LEU B 90 -14.28 -3.29 -8.96
C LEU B 90 -15.30 -2.17 -9.11
N GLU B 91 -16.34 -2.21 -8.26
CA GLU B 91 -17.37 -1.17 -8.24
C GLU B 91 -16.78 0.22 -8.02
N GLU B 92 -15.77 0.33 -7.15
CA GLU B 92 -15.18 1.64 -6.89
C GLU B 92 -14.59 2.27 -8.14
N TYR B 93 -14.24 1.48 -9.16
CA TYR B 93 -13.77 2.10 -10.40
C TYR B 93 -14.85 2.91 -11.11
N TYR B 94 -16.12 2.67 -10.78
CA TYR B 94 -17.24 3.33 -11.46
C TYR B 94 -17.92 4.34 -10.53
N ARG B 95 -17.63 5.62 -10.74
CA ARG B 95 -18.38 6.73 -10.17
C ARG B 95 -19.22 7.43 -11.24
N GLU B 96 -19.71 6.66 -12.21
CA GLU B 96 -20.50 7.17 -13.33
C GLU B 96 -21.41 6.07 -13.86
N LYS B 104 -20.97 -5.49 -15.52
CA LYS B 104 -21.06 -6.25 -14.27
C LYS B 104 -19.77 -6.12 -13.44
N CYS B 105 -19.83 -5.44 -12.30
CA CYS B 105 -18.64 -5.41 -11.47
C CYS B 105 -18.47 -6.68 -10.65
N TRP B 106 -17.24 -6.85 -10.18
CA TRP B 106 -16.82 -7.99 -9.38
C TRP B 106 -16.59 -7.50 -7.95
N THR B 107 -17.18 -8.21 -6.98
CA THR B 107 -16.91 -7.97 -5.57
C THR B 107 -15.71 -8.80 -5.13
N TRP B 108 -15.18 -8.47 -3.96
CA TRP B 108 -14.10 -9.30 -3.44
C TRP B 108 -14.61 -10.69 -3.08
N ASP B 109 -15.91 -10.83 -2.79
CA ASP B 109 -16.51 -12.17 -2.68
C ASP B 109 -16.27 -12.98 -3.95
N ASP B 110 -16.59 -12.40 -5.11
CA ASP B 110 -16.38 -13.09 -6.37
C ASP B 110 -14.90 -13.38 -6.61
N ILE B 111 -14.06 -12.37 -6.37
CA ILE B 111 -12.64 -12.48 -6.72
C ILE B 111 -11.97 -13.55 -5.88
N MET B 112 -12.19 -13.51 -4.56
CA MET B 112 -11.66 -14.54 -3.67
C MET B 112 -12.00 -15.96 -4.07
N LYS B 113 -13.12 -16.16 -4.79
CA LYS B 113 -13.56 -17.51 -5.10
C LYS B 113 -12.97 -18.00 -6.41
N LEU B 114 -12.22 -17.14 -7.14
CA LEU B 114 -11.49 -17.62 -8.31
C LEU B 114 -10.47 -18.66 -7.89
N GLU B 115 -10.21 -19.62 -8.78
CA GLU B 115 -9.33 -20.74 -8.47
C GLU B 115 -7.95 -20.52 -9.11
N ILE B 116 -7.30 -19.44 -8.70
CA ILE B 116 -6.09 -18.99 -9.39
C ILE B 116 -4.94 -19.96 -9.16
N ASP B 117 -4.89 -20.59 -7.99
CA ASP B 117 -3.85 -21.58 -7.73
C ASP B 117 -3.92 -22.76 -8.70
N GLU B 118 -5.09 -23.02 -9.30
CA GLU B 118 -5.19 -24.14 -10.23
C GLU B 118 -4.50 -23.88 -11.56
N ILE B 119 -4.18 -22.63 -11.89
CA ILE B 119 -3.53 -22.32 -13.16
C ILE B 119 -2.17 -21.66 -13.01
N ALA B 120 -1.73 -21.37 -11.79
CA ALA B 120 -0.41 -20.79 -11.59
C ALA B 120 0.66 -21.86 -11.55
N ALA B 121 1.78 -21.58 -12.21
CA ALA B 121 2.90 -22.52 -12.14
C ALA B 121 3.48 -22.54 -10.73
N PRO B 122 4.08 -23.66 -10.31
CA PRO B 122 4.61 -23.77 -8.93
C PRO B 122 5.58 -22.67 -8.56
N ARG B 123 6.36 -22.20 -9.52
CA ARG B 123 7.14 -20.97 -9.36
C ARG B 123 6.49 -19.93 -10.26
N SER B 124 5.85 -18.91 -9.69
CA SER B 124 5.16 -17.93 -10.53
C SER B 124 4.84 -16.69 -9.70
N PHE B 125 4.29 -15.69 -10.39
CA PHE B 125 4.10 -14.35 -9.84
C PHE B 125 2.70 -13.89 -10.17
N ILE B 126 2.16 -12.99 -9.35
CA ILE B 126 0.83 -12.46 -9.57
C ILE B 126 0.92 -10.96 -9.33
N PHE B 127 0.16 -10.20 -10.13
CA PHE B 127 0.03 -8.75 -9.98
C PHE B 127 -1.46 -8.49 -9.94
N LEU B 128 -1.95 -8.04 -8.79
CA LEU B 128 -3.37 -7.92 -8.51
C LEU B 128 -3.68 -6.43 -8.28
N TRP B 129 -4.44 -5.81 -9.20
CA TRP B 129 -4.98 -4.47 -9.01
C TRP B 129 -6.04 -4.49 -7.91
N CYS B 130 -5.78 -3.75 -6.82
CA CYS B 130 -6.62 -3.83 -5.62
C CYS B 130 -7.40 -2.56 -5.36
N GLY B 131 -7.19 -1.50 -6.15
CA GLY B 131 -7.91 -0.27 -5.87
C GLY B 131 -7.30 0.50 -4.72
N SER B 132 -8.16 1.07 -3.89
CA SER B 132 -7.73 1.98 -2.84
C SER B 132 -8.53 1.83 -1.57
N GLY B 133 -9.49 0.90 -1.52
CA GLY B 133 -10.30 0.72 -0.32
C GLY B 133 -10.09 -0.64 0.31
N GLU B 134 -11.18 -1.37 0.55
CA GLU B 134 -11.07 -2.67 1.20
C GLU B 134 -10.23 -3.67 0.42
N GLY B 135 -10.00 -3.46 -0.88
CA GLY B 135 -9.14 -4.37 -1.64
C GLY B 135 -7.70 -4.43 -1.15
N LEU B 136 -7.21 -3.38 -0.49
CA LEU B 136 -5.86 -3.44 0.04
C LEU B 136 -5.72 -4.52 1.10
N ASP B 137 -6.82 -4.87 1.76
CA ASP B 137 -6.84 -5.95 2.74
C ASP B 137 -7.27 -7.28 2.11
N LEU B 138 -8.40 -7.25 1.38
CA LEU B 138 -8.92 -8.47 0.80
C LEU B 138 -8.04 -8.99 -0.33
N GLY B 139 -7.33 -8.09 -1.04
CA GLY B 139 -6.36 -8.54 -2.03
C GLY B 139 -5.21 -9.32 -1.41
N ARG B 140 -4.82 -8.94 -0.19
CA ARG B 140 -3.81 -9.70 0.55
C ARG B 140 -4.37 -11.05 0.98
N VAL B 141 -5.64 -11.09 1.41
CA VAL B 141 -6.27 -12.37 1.70
C VAL B 141 -6.27 -13.27 0.47
N CYS B 142 -6.60 -12.71 -0.70
CA CYS B 142 -6.59 -13.49 -1.94
C CYS B 142 -5.20 -14.03 -2.22
N LEU B 143 -4.19 -13.17 -2.17
CA LEU B 143 -2.82 -13.63 -2.45
C LEU B 143 -2.47 -14.83 -1.57
N ARG B 144 -2.75 -14.74 -0.27
CA ARG B 144 -2.42 -15.87 0.60
C ARG B 144 -3.27 -17.09 0.28
N LYS B 145 -4.54 -16.88 -0.05
CA LYS B 145 -5.41 -18.00 -0.38
C LYS B 145 -4.87 -18.79 -1.57
N TRP B 146 -4.33 -18.09 -2.57
CA TRP B 146 -3.84 -18.74 -3.78
C TRP B 146 -2.41 -19.22 -3.65
N GLY B 147 -1.78 -19.05 -2.49
CA GLY B 147 -0.45 -19.57 -2.24
C GLY B 147 0.69 -18.62 -2.48
N TYR B 148 0.43 -17.32 -2.58
CA TYR B 148 1.51 -16.36 -2.78
C TYR B 148 1.84 -15.64 -1.49
N ARG B 149 3.04 -15.08 -1.45
CA ARG B 149 3.40 -14.07 -0.46
C ARG B 149 3.61 -12.75 -1.19
N ARG B 150 3.15 -11.66 -0.59
CA ARG B 150 3.35 -10.36 -1.22
C ARG B 150 4.82 -9.96 -1.11
N CYS B 151 5.42 -9.63 -2.25
CA CYS B 151 6.80 -9.16 -2.24
C CYS B 151 6.97 -7.69 -2.66
N GLU B 152 5.97 -7.08 -3.30
CA GLU B 152 6.03 -5.64 -3.58
C GLU B 152 4.62 -5.07 -3.53
N ASP B 153 4.53 -3.78 -3.24
CA ASP B 153 3.29 -3.01 -3.28
C ASP B 153 3.54 -1.85 -4.23
N ILE B 154 2.94 -1.92 -5.42
CA ILE B 154 3.17 -0.93 -6.48
C ILE B 154 2.03 0.08 -6.45
N CYS B 155 2.36 1.36 -6.28
CA CYS B 155 1.35 2.40 -6.15
CA CYS B 155 1.35 2.38 -6.14
C CYS B 155 1.25 3.22 -7.42
N TRP B 156 0.06 3.26 -7.99
CA TRP B 156 -0.25 4.15 -9.10
C TRP B 156 -0.76 5.46 -8.51
N ILE B 157 0.08 6.49 -8.57
CA ILE B 157 -0.19 7.80 -8.00
C ILE B 157 -0.79 8.66 -9.10
N LYS B 158 -1.98 9.22 -8.86
CA LYS B 158 -2.68 10.01 -9.87
C LYS B 158 -2.56 11.52 -9.61
N THR B 159 -1.96 12.22 -10.57
CA THR B 159 -1.91 13.68 -10.52
C THR B 159 -3.21 14.28 -11.06
N ASN B 160 -3.44 15.55 -10.73
CA ASN B 160 -4.62 16.28 -11.20
C ASN B 160 -4.21 17.65 -11.74
N LYS B 161 -3.11 17.70 -12.50
CA LYS B 161 -2.60 18.96 -13.02
C LYS B 161 -3.61 19.68 -13.91
N ASN B 162 -4.47 18.93 -14.60
CA ASN B 162 -5.47 19.50 -15.51
C ASN B 162 -6.83 19.73 -14.87
N ASN B 163 -7.07 19.30 -13.64
CA ASN B 163 -8.33 19.62 -12.96
C ASN B 163 -8.09 19.81 -11.47
N PRO B 164 -7.29 20.82 -11.09
CA PRO B 164 -7.16 21.15 -9.65
C PRO B 164 -8.49 21.36 -8.97
N GLY B 165 -9.48 21.86 -9.72
CA GLY B 165 -10.75 22.19 -9.10
C GLY B 165 -11.53 20.97 -8.65
N LYS B 166 -11.72 20.00 -9.55
CA LYS B 166 -12.55 18.83 -9.29
C LYS B 166 -12.20 18.15 -7.97
N THR B 167 -13.02 18.37 -6.95
CA THR B 167 -12.85 17.67 -5.68
C THR B 167 -13.21 16.19 -5.85
N LYS B 168 -13.04 15.41 -4.80
CA LYS B 168 -13.33 13.98 -4.84
C LYS B 168 -14.56 13.67 -3.99
N THR B 169 -15.40 12.75 -4.48
CA THR B 169 -16.47 12.19 -3.67
C THR B 169 -15.90 11.08 -2.80
N LEU B 170 -16.00 11.24 -1.47
CA LEU B 170 -15.32 10.35 -0.54
C LEU B 170 -16.16 9.10 -0.26
N ASP B 171 -15.50 7.95 -0.25
CA ASP B 171 -16.10 6.74 0.32
C ASP B 171 -16.46 7.04 1.79
N PRO B 172 -17.62 6.57 2.27
CA PRO B 172 -18.04 6.88 3.65
C PRO B 172 -16.98 6.63 4.71
N LYS B 173 -16.19 5.56 4.58
CA LYS B 173 -15.17 5.23 5.58
C LYS B 173 -13.88 6.01 5.38
N ALA B 174 -13.71 6.67 4.24
CA ALA B 174 -12.44 7.33 3.93
C ALA B 174 -12.15 8.48 4.88
N VAL B 175 -10.90 8.58 5.31
CA VAL B 175 -10.46 9.71 6.13
C VAL B 175 -9.83 10.78 5.24
N PHE B 176 -9.26 10.37 4.12
CA PHE B 176 -8.55 11.26 3.22
C PHE B 176 -9.07 11.10 1.79
N GLN B 177 -8.81 12.10 0.97
CA GLN B 177 -9.06 11.98 -0.45
C GLN B 177 -8.14 10.91 -1.02
N ARG B 178 -8.73 9.95 -1.73
CA ARG B 178 -7.99 8.82 -2.27
C ARG B 178 -7.51 9.15 -3.67
N THR B 179 -6.18 9.22 -3.85
CA THR B 179 -5.60 9.72 -5.09
C THR B 179 -4.65 8.71 -5.74
N LYS B 180 -4.76 7.46 -5.33
CA LYS B 180 -3.86 6.41 -5.81
C LYS B 180 -4.61 5.08 -5.82
N GLU B 181 -4.00 4.10 -6.48
CA GLU B 181 -4.44 2.72 -6.51
C GLU B 181 -3.23 1.82 -6.31
N HIS B 182 -3.46 0.62 -5.79
CA HIS B 182 -2.38 -0.32 -5.52
C HIS B 182 -2.47 -1.56 -6.38
N CYS B 183 -1.33 -1.98 -6.90
CA CYS B 183 -1.19 -3.26 -7.59
C CYS B 183 -0.24 -4.10 -6.74
N LEU B 184 -0.74 -5.17 -6.13
CA LEU B 184 0.10 -6.00 -5.27
C LEU B 184 0.79 -7.08 -6.05
N MET B 185 2.07 -7.28 -5.77
CA MET B 185 2.86 -8.30 -6.44
C MET B 185 3.13 -9.44 -5.47
N GLY B 186 2.85 -10.66 -5.91
CA GLY B 186 2.99 -11.84 -5.07
C GLY B 186 3.85 -12.85 -5.79
N ILE B 187 4.51 -13.70 -5.00
CA ILE B 187 5.42 -14.72 -5.48
C ILE B 187 5.07 -16.05 -4.82
N LYS B 188 5.20 -17.13 -5.60
CA LYS B 188 4.99 -18.47 -5.07
C LYS B 188 6.10 -19.36 -5.60
N GLY B 189 6.55 -20.29 -4.77
CA GLY B 189 7.71 -21.07 -5.11
C GLY B 189 8.98 -20.39 -4.64
N THR B 190 10.11 -20.88 -5.13
CA THR B 190 11.41 -20.35 -4.75
C THR B 190 11.86 -19.30 -5.77
N VAL B 191 12.08 -18.08 -5.29
CA VAL B 191 12.54 -16.95 -6.11
C VAL B 191 11.76 -16.84 -7.43
N VAL B 204 16.67 -1.52 -11.41
CA VAL B 204 15.62 -1.60 -12.44
C VAL B 204 14.53 -0.51 -12.28
N ASP B 205 13.32 -0.94 -11.95
CA ASP B 205 12.18 -0.05 -11.78
C ASP B 205 11.92 0.27 -10.30
N ILE B 206 11.04 1.26 -10.12
CA ILE B 206 10.58 1.76 -8.82
C ILE B 206 9.16 1.27 -8.59
N ASP B 207 8.73 1.22 -7.33
CA ASP B 207 7.39 0.74 -7.00
C ASP B 207 6.33 1.84 -7.10
N LEU B 208 6.49 2.77 -8.04
CA LEU B 208 5.62 3.93 -8.19
C LEU B 208 5.34 4.11 -9.68
N ILE B 209 4.08 4.32 -10.04
CA ILE B 209 3.70 4.79 -11.37
C ILE B 209 2.96 6.09 -11.20
N ILE B 210 3.41 7.14 -11.90
CA ILE B 210 2.79 8.47 -11.79
C ILE B 210 2.25 8.90 -13.15
N THR B 211 0.92 9.06 -13.23
CA THR B 211 0.25 9.57 -14.41
C THR B 211 -0.92 10.45 -14.01
N GLU B 212 -1.45 11.19 -14.99
CA GLU B 212 -2.60 12.04 -14.70
C GLU B 212 -3.82 11.16 -14.49
N GLU B 213 -4.70 11.61 -13.61
CA GLU B 213 -5.92 10.85 -13.34
C GLU B 213 -6.78 10.76 -14.59
N PRO B 214 -7.15 9.56 -15.03
CA PRO B 214 -7.94 9.43 -16.27
C PRO B 214 -9.29 10.13 -16.16
N GLU B 215 -9.89 10.37 -17.33
CA GLU B 215 -11.25 10.92 -17.39
C GLU B 215 -12.21 10.00 -16.66
N ILE B 216 -13.28 10.59 -16.11
CA ILE B 216 -14.27 9.82 -15.38
C ILE B 216 -14.81 8.70 -16.29
N GLY B 217 -15.12 7.55 -15.69
CA GLY B 217 -15.58 6.39 -16.44
C GLY B 217 -14.52 5.66 -17.23
N ASN B 218 -13.30 6.18 -17.33
CA ASN B 218 -12.19 5.43 -17.91
C ASN B 218 -11.57 4.56 -16.82
N ILE B 219 -11.67 3.24 -17.00
CA ILE B 219 -11.23 2.30 -15.97
C ILE B 219 -9.84 1.76 -16.25
N GLU B 220 -9.17 2.24 -17.30
CA GLU B 220 -7.92 1.62 -17.74
C GLU B 220 -6.80 1.88 -16.74
N LYS B 221 -5.92 0.88 -16.56
CA LYS B 221 -4.76 1.03 -15.69
C LYS B 221 -3.56 1.43 -16.54
N PRO B 222 -2.56 2.10 -15.95
CA PRO B 222 -1.41 2.55 -16.73
C PRO B 222 -0.67 1.38 -17.39
N VAL B 223 -0.39 1.53 -18.69
CA VAL B 223 0.34 0.50 -19.41
C VAL B 223 1.72 0.27 -18.80
N GLU B 224 2.22 1.23 -18.01
CA GLU B 224 3.52 1.10 -17.37
C GLU B 224 3.62 -0.16 -16.51
N ILE B 225 2.49 -0.65 -15.98
CA ILE B 225 2.54 -1.88 -15.19
C ILE B 225 3.06 -3.03 -16.05
N PHE B 226 2.71 -3.06 -17.34
CA PHE B 226 3.23 -4.12 -18.19
C PHE B 226 4.75 -4.02 -18.32
N HIS B 227 5.28 -2.80 -18.34
CA HIS B 227 6.71 -2.61 -18.51
C HIS B 227 7.46 -3.12 -17.30
N ILE B 228 6.97 -2.75 -16.11
CA ILE B 228 7.54 -3.25 -14.85
C ILE B 228 7.56 -4.77 -14.85
N ILE B 229 6.40 -5.38 -15.13
CA ILE B 229 6.28 -6.84 -15.15
C ILE B 229 7.25 -7.47 -16.14
N GLU B 230 7.27 -6.97 -17.38
CA GLU B 230 8.12 -7.61 -18.38
C GLU B 230 9.60 -7.43 -18.06
N HIS B 231 9.97 -6.32 -17.40
CA HIS B 231 11.36 -6.09 -17.05
C HIS B 231 11.85 -7.01 -15.94
N PHE B 232 10.96 -7.64 -15.19
CA PHE B 232 11.42 -8.62 -14.21
C PHE B 232 12.03 -9.87 -14.85
N CYS B 233 11.67 -10.17 -16.11
CA CYS B 233 12.15 -11.36 -16.82
C CYS B 233 11.75 -12.67 -16.09
N LEU B 234 10.44 -12.85 -15.92
CA LEU B 234 9.89 -13.94 -15.10
C LEU B 234 9.44 -15.15 -15.90
N GLY B 235 9.66 -15.18 -17.20
CA GLY B 235 9.08 -16.24 -18.00
C GLY B 235 8.08 -15.70 -18.99
N ARG B 236 7.69 -16.57 -19.90
CA ARG B 236 7.00 -16.14 -21.10
C ARG B 236 5.53 -16.49 -21.12
N ARG B 237 5.05 -17.32 -20.17
CA ARG B 237 3.62 -17.64 -20.10
C ARG B 237 2.97 -16.58 -19.22
N ARG B 238 2.31 -15.60 -19.85
CA ARG B 238 1.77 -14.44 -19.16
C ARG B 238 0.28 -14.33 -19.45
N LEU B 239 -0.53 -14.34 -18.40
CA LEU B 239 -1.98 -14.27 -18.47
C LEU B 239 -2.47 -12.95 -17.89
N HIS B 240 -3.38 -12.27 -18.60
CA HIS B 240 -4.03 -11.08 -18.08
C HIS B 240 -5.53 -11.35 -18.02
N LEU B 241 -6.01 -11.59 -16.79
CA LEU B 241 -7.42 -11.84 -16.56
C LEU B 241 -8.18 -10.53 -16.39
N PHE B 242 -9.33 -10.44 -17.06
CA PHE B 242 -10.14 -9.23 -17.16
C PHE B 242 -9.47 -8.15 -17.99
N GLY B 243 -8.60 -8.56 -18.90
CA GLY B 243 -8.17 -7.66 -19.95
C GLY B 243 -9.30 -7.37 -20.91
N ARG B 244 -9.04 -6.47 -21.86
CA ARG B 244 -10.04 -5.97 -22.80
C ARG B 244 -9.38 -5.91 -24.19
N ASP B 245 -10.18 -5.62 -25.21
CA ASP B 245 -9.59 -5.46 -26.55
C ASP B 245 -8.45 -4.45 -26.47
N SER B 246 -8.63 -3.39 -25.67
CA SER B 246 -7.68 -2.29 -25.58
C SER B 246 -6.40 -2.67 -24.85
N THR B 247 -6.33 -3.81 -24.15
CA THR B 247 -5.10 -4.15 -23.43
C THR B 247 -4.30 -5.27 -24.09
N ILE B 248 -4.79 -5.82 -25.19
CA ILE B 248 -4.12 -6.97 -25.82
C ILE B 248 -2.72 -6.55 -26.24
N ARG B 249 -1.74 -7.44 -26.01
CA ARG B 249 -0.34 -7.09 -26.06
C ARG B 249 0.49 -8.30 -26.47
N PRO B 250 1.49 -8.13 -27.33
CA PRO B 250 2.37 -9.25 -27.65
C PRO B 250 2.97 -9.80 -26.37
N GLY B 251 3.11 -11.11 -26.31
CA GLY B 251 3.69 -11.70 -25.13
C GLY B 251 2.70 -12.07 -24.06
N TRP B 252 1.42 -11.82 -24.27
CA TRP B 252 0.39 -12.00 -23.26
C TRP B 252 -0.77 -12.78 -23.84
N LEU B 253 -1.35 -13.65 -23.01
CA LEU B 253 -2.67 -14.20 -23.23
C LEU B 253 -3.67 -13.37 -22.41
N THR B 254 -4.67 -12.83 -23.09
CA THR B 254 -5.67 -11.95 -22.49
C THR B 254 -7.01 -12.65 -22.46
N VAL B 255 -7.63 -12.74 -21.29
CA VAL B 255 -8.91 -13.45 -21.12
C VAL B 255 -9.87 -12.52 -20.39
N GLY B 256 -11.04 -12.29 -20.98
CA GLY B 256 -11.97 -11.38 -20.38
C GLY B 256 -13.35 -11.42 -20.99
N PRO B 257 -14.36 -10.95 -20.25
CA PRO B 257 -15.74 -11.03 -20.75
C PRO B 257 -16.08 -10.07 -21.86
N THR B 258 -15.37 -8.96 -22.01
CA THR B 258 -15.75 -7.96 -23.01
C THR B 258 -14.98 -8.09 -24.33
N LEU B 259 -14.03 -9.03 -24.44
CA LEU B 259 -13.32 -9.14 -25.71
C LEU B 259 -14.31 -9.40 -26.83
N THR B 260 -14.07 -8.79 -27.97
CA THR B 260 -14.96 -8.95 -29.11
C THR B 260 -14.59 -10.14 -29.99
N ASN B 261 -13.34 -10.58 -29.94
CA ASN B 261 -12.85 -11.67 -30.75
C ASN B 261 -11.95 -12.57 -29.92
N SER B 262 -11.72 -13.80 -30.41
CA SER B 262 -10.86 -14.78 -29.75
C SER B 262 -9.93 -15.40 -30.78
N ASN B 263 -8.73 -15.78 -30.35
CA ASN B 263 -7.86 -16.59 -31.19
C ASN B 263 -7.19 -17.68 -30.37
N TYR B 264 -7.61 -17.87 -29.12
CA TYR B 264 -6.92 -18.78 -28.22
C TYR B 264 -7.15 -20.21 -28.66
N ASN B 265 -6.07 -20.99 -28.71
CA ASN B 265 -6.10 -22.43 -28.91
C ASN B 265 -5.06 -23.01 -27.97
N ALA B 266 -5.50 -23.83 -27.02
CA ALA B 266 -4.60 -24.30 -25.97
C ALA B 266 -3.41 -25.05 -26.54
N GLU B 267 -3.63 -25.85 -27.60
CA GLU B 267 -2.51 -26.57 -28.19
C GLU B 267 -1.55 -25.62 -28.92
N THR B 268 -2.08 -24.69 -29.73
CA THR B 268 -1.22 -23.67 -30.31
C THR B 268 -0.45 -22.88 -29.26
N TYR B 269 -1.13 -22.45 -28.21
CA TYR B 269 -0.46 -21.68 -27.19
C TYR B 269 0.68 -22.47 -26.54
N ALA B 270 0.41 -23.74 -26.19
CA ALA B 270 1.43 -24.57 -25.55
C ALA B 270 2.65 -24.76 -26.44
N SER B 271 2.43 -24.84 -27.76
CA SER B 271 3.51 -24.99 -28.72
C SER B 271 4.51 -23.84 -28.69
N TYR B 272 4.12 -22.66 -28.20
CA TYR B 272 5.09 -21.56 -28.10
C TYR B 272 6.16 -21.83 -27.05
N PHE B 273 5.87 -22.70 -26.09
CA PHE B 273 6.76 -22.95 -24.96
C PHE B 273 7.31 -24.37 -24.95
N SER B 274 7.09 -25.14 -26.01
CA SER B 274 7.67 -26.48 -26.05
C SER B 274 9.16 -26.39 -26.33
N ALA B 275 9.88 -27.45 -25.95
CA ALA B 275 11.33 -27.51 -26.13
C ALA B 275 11.72 -27.05 -27.54
N PRO B 276 12.84 -26.35 -27.69
CA PRO B 276 13.77 -25.98 -26.60
C PRO B 276 13.46 -24.68 -25.84
N ASN B 277 12.24 -24.15 -25.89
CA ASN B 277 11.94 -22.84 -25.30
C ASN B 277 11.26 -22.89 -23.93
N SER B 278 11.35 -24.02 -23.22
CA SER B 278 10.48 -24.24 -22.06
C SER B 278 10.77 -23.28 -20.91
N TYR B 279 12.03 -22.89 -20.69
CA TYR B 279 12.36 -22.13 -19.49
C TYR B 279 12.95 -20.75 -19.80
N LEU B 280 12.75 -20.24 -21.01
CA LEU B 280 13.22 -18.90 -21.34
C LEU B 280 12.58 -17.87 -20.41
N THR B 281 13.33 -16.82 -20.10
CA THR B 281 12.82 -15.76 -19.25
C THR B 281 12.01 -14.73 -20.03
N GLY B 282 12.10 -14.74 -21.35
CA GLY B 282 11.56 -13.65 -22.13
C GLY B 282 12.48 -12.47 -22.24
N CYS B 283 13.68 -12.55 -21.69
CA CYS B 283 14.69 -11.50 -21.81
C CYS B 283 15.97 -11.99 -22.49
N THR B 284 15.96 -13.17 -23.08
CA THR B 284 17.15 -13.73 -23.72
C THR B 284 16.89 -13.93 -25.20
N GLU B 285 17.97 -14.19 -25.94
CA GLU B 285 17.85 -14.45 -27.37
C GLU B 285 17.04 -15.72 -27.64
N GLU B 286 16.25 -15.70 -28.71
CA GLU B 286 15.56 -16.90 -29.14
C GLU B 286 16.58 -17.98 -29.50
N ILE B 287 16.21 -19.24 -29.28
CA ILE B 287 17.10 -20.37 -29.54
C ILE B 287 17.08 -20.69 -31.03
N GLU B 288 18.28 -20.75 -31.63
CA GLU B 288 18.41 -21.07 -33.06
C GLU B 288 17.83 -22.44 -33.42
C10 UE5 C . 13.63 4.01 14.06
C13 UE5 C . 12.78 4.51 15.02
C17 UE5 C . 13.24 4.40 19.69
C20 UE5 C . 13.27 1.37 20.10
C21 UE5 C . 11.97 3.58 19.85
C01 UE5 C . 10.79 6.16 7.73
C02 UE5 C . 9.73 5.73 8.75
C03 UE5 C . 8.50 6.62 8.67
C04 UE5 C . 10.28 5.96 10.14
C05 UE5 C . 11.11 4.81 10.58
C07 UE5 C . 11.14 2.80 11.35
C08 UE5 C . 11.70 3.41 12.67
C09 UE5 C . 13.11 3.46 12.88
C11 UE5 C . 10.87 3.88 13.69
C12 UE5 C . 11.40 4.43 14.85
C14 UE5 C . 13.30 5.07 16.35
C16 UE5 C . 12.94 5.63 18.75
C18 UE5 C . 14.29 3.49 19.05
C19 UE5 C . 14.56 2.25 19.94
C23 UE5 C . 11.46 1.89 21.74
C25 UE5 C . 10.13 2.51 23.56
C27 UE5 C . 10.80 0.27 23.32
C29 UE5 C . 11.56 -2.17 23.21
C30 UE5 C . 13.02 -2.41 23.74
C31 UE5 C . 13.65 -1.50 24.60
C32 UE5 C . 14.96 -1.76 25.03
C33 UE5 C . 15.63 -2.92 24.60
C34 UE5 C . 15.00 -3.83 23.73
C35 UE5 C . 13.69 -3.57 23.30
C36 UE5 C . 11.48 0.58 22.16
C39 UE5 C . 10.24 3.25 9.37
C40 UE5 C . 9.40 4.25 8.51
N06 UE5 C . 10.46 3.70 10.63
N15 UE5 C . 12.37 5.09 17.50
N22 UE5 C . 12.18 2.25 20.50
N24 UE5 C . 10.81 2.85 22.41
N26 UE5 C . 10.13 1.22 24.00
N28 UE5 C . 10.80 -1.10 23.83
O37 UE5 C . 13.71 4.96 20.90
O38 UE5 C . 14.42 5.46 16.49
C ACT D . 1.05 -11.91 2.28
O ACT D . 2.18 -12.06 1.78
OXT ACT D . 0.69 -12.17 3.42
CH3 ACT D . -0.10 -11.27 1.35
#